data_8VA4
#
_entry.id   8VA4
#
_cell.length_a   76.701
_cell.length_b   76.701
_cell.length_c   131.121
_cell.angle_alpha   90.00
_cell.angle_beta   90.00
_cell.angle_gamma   90.00
#
_symmetry.space_group_name_H-M   'P 43 21 2'
#
loop_
_entity.id
_entity.type
_entity.pdbx_description
1 polymer 'Glycoside hydrolase family 16'
2 non-polymer 'PHOSPHATE ION'
3 non-polymer 'CALCIUM ION'
4 water water
#
_entity_poly.entity_id   1
_entity_poly.type   'polypeptide(L)'
_entity_poly.pdbx_seq_one_letter_code
;MIRQFYLGALLLGSTISLSASCAGGENNPPVVQATAIQLTPAALTFSPEGGSQQVQLQAPSEWSAFADAEWVAVSPKSSL
SPKGTLTVTVAPNTTAGQPRSTTLTVRSGTARQTVSITQSAPEIAAPDPNIPTPEGYALVWQEEFDQTPSADGRPALVNA
SNWRFENWAPGTVNNELQRYVAGGVLGNDTTAMVKDGALHITLKKRGNEVLSARMNSRESWQYGYVEARIRLPKGKGTWP
AFWMMPVDQREGWPACGEIDIMEEVGTNPNYTSSSIHCTAYNHVKGTQKTAERFTAGAEGEYHVYALEWTADYIRTFVDG
QPLFYFANDGQRKAATWPFDKPFFVILNLAWGGMWGGMNGVDESALPTTMSVDYVRVFQRR
;
_entity_poly.pdbx_strand_id   A
#
# COMPACT_ATOMS: atom_id res chain seq x y z
N ASP A 128 -3.49 -23.66 6.14
CA ASP A 128 -2.14 -24.13 6.37
C ASP A 128 -1.65 -23.70 7.76
N PRO A 129 -1.22 -24.66 8.58
CA PRO A 129 -0.74 -24.32 9.93
C PRO A 129 0.55 -23.50 9.94
N ASN A 130 1.18 -23.29 8.79
CA ASN A 130 2.37 -22.47 8.70
C ASN A 130 2.06 -20.99 8.49
N ILE A 131 0.79 -20.62 8.44
CA ILE A 131 0.36 -19.26 8.17
C ILE A 131 -0.19 -18.68 9.47
N PRO A 132 0.47 -17.68 10.07
CA PRO A 132 -0.13 -16.99 11.23
C PRO A 132 -1.49 -16.44 10.88
N THR A 133 -2.51 -16.94 11.58
CA THR A 133 -3.89 -16.68 11.26
C THR A 133 -4.59 -16.02 12.45
N PRO A 134 -5.24 -14.88 12.26
CA PRO A 134 -5.90 -14.22 13.38
C PRO A 134 -7.04 -15.07 13.93
N GLU A 135 -7.24 -14.95 15.24
CA GLU A 135 -8.32 -15.67 15.92
C GLU A 135 -9.66 -15.40 15.25
N GLY A 136 -10.38 -16.48 14.93
CA GLY A 136 -11.66 -16.38 14.29
C GLY A 136 -11.64 -16.17 12.80
N TYR A 137 -10.46 -16.16 12.17
CA TYR A 137 -10.35 -15.93 10.74
C TYR A 137 -9.88 -17.18 10.01
N ALA A 138 -10.15 -17.22 8.71
CA ALA A 138 -9.62 -18.23 7.82
C ALA A 138 -9.06 -17.54 6.57
N LEU A 139 -8.00 -18.12 6.03
CA LEU A 139 -7.40 -17.58 4.80
C LEU A 139 -8.36 -17.75 3.62
N VAL A 140 -8.48 -16.69 2.82
CA VAL A 140 -9.26 -16.77 1.59
C VAL A 140 -8.44 -16.44 0.35
N TRP A 141 -7.33 -15.72 0.47
CA TRP A 141 -6.53 -15.30 -0.66
C TRP A 141 -5.11 -15.10 -0.18
N GLN A 142 -4.15 -15.55 -0.99
CA GLN A 142 -2.75 -15.40 -0.63
C GLN A 142 -1.92 -15.20 -1.89
N GLU A 143 -1.10 -14.17 -1.88
CA GLU A 143 -0.05 -13.97 -2.88
C GLU A 143 1.27 -14.15 -2.14
N GLU A 144 1.84 -15.35 -2.24
CA GLU A 144 3.10 -15.67 -1.58
C GLU A 144 4.31 -15.26 -2.40
N PHE A 145 4.09 -14.75 -3.62
CA PHE A 145 5.17 -14.36 -4.53
C PHE A 145 6.19 -15.50 -4.68
N ASP A 146 5.68 -16.70 -4.92
CA ASP A 146 6.51 -17.90 -5.06
C ASP A 146 7.50 -17.78 -6.22
N GLY A 153 16.58 -18.89 -7.61
CA GLY A 153 16.82 -17.55 -7.10
C GLY A 153 16.85 -16.46 -8.16
N ARG A 154 16.53 -16.81 -9.39
CA ARG A 154 16.51 -15.91 -10.53
C ARG A 154 15.18 -15.17 -10.61
N PRO A 155 15.16 -13.96 -11.18
CA PRO A 155 13.92 -13.18 -11.23
C PRO A 155 12.92 -13.77 -12.20
N ALA A 156 11.65 -13.50 -11.93
CA ALA A 156 10.55 -13.92 -12.80
C ALA A 156 9.51 -12.81 -12.84
N LEU A 157 8.56 -12.96 -13.76
CA LEU A 157 7.48 -11.99 -13.88
C LEU A 157 6.44 -12.21 -12.79
N VAL A 158 5.85 -11.11 -12.33
CA VAL A 158 4.74 -11.18 -11.39
C VAL A 158 3.60 -12.01 -11.97
N ASN A 159 2.93 -12.77 -11.11
CA ASN A 159 1.77 -13.57 -11.49
C ASN A 159 0.64 -12.68 -12.01
N ALA A 160 0.42 -12.68 -13.32
CA ALA A 160 -0.54 -11.78 -13.94
C ALA A 160 -1.99 -12.12 -13.59
N SER A 161 -2.26 -13.32 -13.08
CA SER A 161 -3.62 -13.61 -12.65
C SER A 161 -3.97 -12.92 -11.33
N ASN A 162 -2.98 -12.42 -10.61
CA ASN A 162 -3.22 -11.75 -9.35
C ASN A 162 -3.14 -10.23 -9.44
N TRP A 163 -2.42 -9.68 -10.41
CA TRP A 163 -2.12 -8.26 -10.39
C TRP A 163 -2.32 -7.62 -11.76
N ARG A 164 -2.83 -6.39 -11.74
CA ARG A 164 -2.93 -5.54 -12.92
C ARG A 164 -2.04 -4.32 -12.69
N PHE A 165 -1.14 -4.06 -13.63
CA PHE A 165 -0.20 -2.96 -13.52
C PHE A 165 -0.80 -1.68 -14.12
N GLU A 166 -0.33 -0.55 -13.60
CA GLU A 166 -0.64 0.75 -14.18
C GLU A 166 0.48 1.18 -15.11
N ASN A 167 0.12 1.80 -16.22
CA ASN A 167 1.08 2.41 -17.15
C ASN A 167 0.80 3.91 -17.16
N TRP A 168 1.44 4.61 -16.23
CA TRP A 168 1.15 6.02 -15.97
C TRP A 168 2.37 6.88 -16.23
N ALA A 169 2.19 7.93 -17.02
CA ALA A 169 3.23 8.92 -17.22
C ALA A 169 3.50 9.66 -15.92
N PRO A 170 4.70 10.22 -15.75
CA PRO A 170 4.97 11.06 -14.57
C PRO A 170 3.93 12.16 -14.44
N GLY A 171 3.60 12.48 -13.18
CA GLY A 171 2.64 13.52 -12.91
C GLY A 171 1.20 13.14 -13.11
N THR A 172 0.89 11.86 -13.28
CA THR A 172 -0.49 11.44 -13.49
C THR A 172 -1.32 11.67 -12.24
N VAL A 173 -0.79 11.35 -11.06
CA VAL A 173 -1.45 11.64 -9.80
C VAL A 173 -0.44 12.21 -8.82
N ASN A 174 -0.93 13.10 -7.95
CA ASN A 174 -0.17 13.67 -6.83
C ASN A 174 1.11 14.37 -7.26
N ASN A 175 1.22 14.77 -8.53
CA ASN A 175 2.42 15.41 -9.06
C ASN A 175 3.66 14.54 -8.87
N GLU A 176 3.49 13.22 -8.92
CA GLU A 176 4.60 12.32 -8.70
C GLU A 176 5.58 12.38 -9.86
N LEU A 177 6.84 12.06 -9.58
CA LEU A 177 7.89 12.17 -10.59
C LEU A 177 8.14 10.88 -11.33
N GLN A 178 7.81 9.73 -10.75
CA GLN A 178 8.12 8.46 -11.39
C GLN A 178 7.14 8.16 -12.51
N ARG A 179 7.59 7.36 -13.46
CA ARG A 179 6.72 6.76 -14.47
C ARG A 179 6.44 5.31 -14.06
N TYR A 180 5.17 4.93 -14.06
CA TYR A 180 4.77 3.56 -13.78
C TYR A 180 4.74 2.79 -15.09
N VAL A 181 5.52 1.71 -15.18
CA VAL A 181 5.69 0.95 -16.40
C VAL A 181 5.19 -0.47 -16.20
N ALA A 182 5.12 -1.21 -17.31
CA ALA A 182 4.64 -2.59 -17.26
C ALA A 182 5.67 -3.53 -16.67
N GLY A 183 6.93 -3.38 -17.05
CA GLY A 183 7.99 -4.26 -16.58
C GLY A 183 8.55 -3.86 -15.22
N GLY A 187 14.55 -4.14 -21.71
CA GLY A 187 15.83 -4.49 -21.11
C GLY A 187 15.78 -4.59 -19.61
N ASN A 188 16.89 -4.22 -18.96
CA ASN A 188 16.99 -4.28 -17.51
C ASN A 188 16.08 -3.23 -16.86
N ASP A 189 15.43 -2.41 -17.67
CA ASP A 189 14.48 -1.42 -17.18
C ASP A 189 13.17 -2.07 -16.73
N THR A 190 13.27 -3.13 -15.92
CA THR A 190 12.11 -3.74 -15.28
C THR A 190 12.03 -3.25 -13.84
N THR A 191 10.84 -2.80 -13.44
CA THR A 191 10.63 -2.20 -12.13
C THR A 191 9.90 -3.11 -11.15
N ALA A 192 9.28 -4.20 -11.63
CA ALA A 192 8.59 -5.13 -10.74
C ALA A 192 8.89 -6.55 -11.19
N MET A 193 9.46 -7.35 -10.28
CA MET A 193 9.73 -8.76 -10.54
C MET A 193 9.68 -9.51 -9.23
N VAL A 194 9.76 -10.83 -9.31
CA VAL A 194 9.76 -11.69 -8.14
C VAL A 194 11.11 -12.40 -8.05
N LYS A 195 11.74 -12.33 -6.89
CA LYS A 195 13.04 -12.95 -6.68
C LYS A 195 13.12 -13.40 -5.23
N ASP A 196 13.58 -14.64 -5.03
CA ASP A 196 13.78 -15.21 -3.69
C ASP A 196 12.47 -15.24 -2.90
N GLY A 197 11.35 -15.46 -3.58
CA GLY A 197 10.08 -15.58 -2.89
C GLY A 197 9.45 -14.27 -2.48
N ALA A 198 9.86 -13.15 -3.07
CA ALA A 198 9.33 -11.84 -2.71
C ALA A 198 9.17 -10.97 -3.94
N LEU A 199 8.11 -10.18 -3.96
CA LEU A 199 8.00 -9.11 -4.94
C LEU A 199 9.05 -8.04 -4.68
N HIS A 200 9.65 -7.53 -5.75
CA HIS A 200 10.59 -6.41 -5.68
C HIS A 200 10.10 -5.32 -6.62
N ILE A 201 9.76 -4.16 -6.06
CA ILE A 201 9.47 -2.97 -6.84
C ILE A 201 10.65 -2.02 -6.67
N THR A 202 11.29 -1.67 -7.78
CA THR A 202 12.54 -0.93 -7.78
C THR A 202 12.37 0.40 -8.47
N LEU A 203 12.74 1.48 -7.77
CA LEU A 203 12.90 2.79 -8.40
C LEU A 203 14.26 2.84 -9.09
N LYS A 204 14.27 3.18 -10.37
CA LYS A 204 15.52 3.23 -11.12
C LYS A 204 15.48 4.35 -12.14
N LYS A 205 16.60 5.05 -12.27
CA LYS A 205 16.73 6.12 -13.25
C LYS A 205 17.09 5.53 -14.60
N ARG A 206 16.32 5.86 -15.62
CA ARG A 206 16.57 5.41 -16.99
C ARG A 206 16.37 6.58 -17.93
N GLY A 207 17.42 6.97 -18.64
CA GLY A 207 17.36 8.18 -19.42
C GLY A 207 17.22 9.37 -18.49
N ASN A 208 16.22 10.21 -18.77
CA ASN A 208 15.87 11.33 -17.89
C ASN A 208 14.57 11.07 -17.14
N GLU A 209 14.30 9.80 -16.82
CA GLU A 209 13.08 9.41 -16.13
C GLU A 209 13.41 8.46 -14.99
N VAL A 210 12.62 8.53 -13.93
CA VAL A 210 12.68 7.59 -12.82
C VAL A 210 11.52 6.61 -13.00
N LEU A 211 11.85 5.32 -13.07
CA LEU A 211 10.85 4.29 -13.35
C LEU A 211 10.47 3.54 -12.08
N SER A 212 9.22 3.10 -12.03
CA SER A 212 8.71 2.34 -10.89
C SER A 212 7.53 1.50 -11.36
N ALA A 213 6.74 0.98 -10.42
CA ALA A 213 5.61 0.15 -10.75
C ALA A 213 4.50 0.37 -9.74
N ARG A 214 3.27 0.16 -10.18
CA ARG A 214 2.10 0.23 -9.32
C ARG A 214 1.15 -0.89 -9.69
N MET A 215 0.77 -1.70 -8.70
CA MET A 215 0.00 -2.92 -8.92
C MET A 215 -1.33 -2.84 -8.18
N ASN A 216 -2.38 -3.35 -8.81
CA ASN A 216 -3.68 -3.55 -8.20
C ASN A 216 -4.03 -5.03 -8.22
N SER A 217 -4.53 -5.53 -7.10
CA SER A 217 -4.99 -6.90 -7.05
C SER A 217 -6.27 -7.04 -7.85
N ARG A 218 -6.38 -8.12 -8.63
CA ARG A 218 -7.55 -8.34 -9.45
C ARG A 218 -8.73 -8.87 -8.64
N GLU A 219 -8.47 -9.47 -7.48
CA GLU A 219 -9.53 -9.81 -6.54
C GLU A 219 -9.79 -8.65 -5.58
N SER A 220 -11.00 -8.63 -5.03
CA SER A 220 -11.39 -7.63 -4.06
C SER A 220 -12.17 -8.31 -2.94
N TRP A 221 -12.38 -7.58 -1.85
CA TRP A 221 -12.95 -8.15 -0.64
C TRP A 221 -13.69 -7.07 0.13
N GLN A 222 -14.80 -7.44 0.77
CA GLN A 222 -15.48 -6.59 1.72
C GLN A 222 -15.25 -7.15 3.13
N TYR A 223 -14.57 -6.37 3.96
CA TYR A 223 -14.16 -6.75 5.31
C TYR A 223 -13.06 -7.81 5.26
N GLY A 224 -12.22 -7.86 6.28
CA GLY A 224 -11.25 -8.93 6.40
C GLY A 224 -10.01 -8.45 7.12
N TYR A 225 -9.04 -9.36 7.20
CA TYR A 225 -7.72 -9.08 7.75
C TYR A 225 -6.74 -9.10 6.58
N VAL A 226 -6.09 -7.96 6.34
CA VAL A 226 -5.25 -7.77 5.16
C VAL A 226 -3.84 -7.49 5.64
N GLU A 227 -2.94 -8.44 5.39
CA GLU A 227 -1.59 -8.40 5.94
C GLU A 227 -0.56 -8.58 4.84
N ALA A 228 0.49 -7.76 4.89
CA ALA A 228 1.62 -7.92 3.99
C ALA A 228 2.92 -7.73 4.77
N ARG A 229 3.93 -8.50 4.38
CA ARG A 229 5.27 -8.40 4.97
C ARG A 229 6.14 -7.61 3.99
N ILE A 230 6.55 -6.41 4.40
CA ILE A 230 7.11 -5.43 3.48
C ILE A 230 8.43 -4.91 4.02
N ARG A 231 9.40 -4.75 3.11
CA ARG A 231 10.68 -4.14 3.39
C ARG A 231 10.75 -2.81 2.64
N LEU A 232 10.87 -1.70 3.38
CA LEU A 232 10.78 -0.40 2.75
C LEU A 232 12.10 -0.01 2.09
N PRO A 233 12.04 0.76 1.00
CA PRO A 233 13.26 1.26 0.37
C PRO A 233 13.86 2.42 1.16
N LYS A 234 14.94 2.98 0.63
CA LYS A 234 15.68 4.05 1.31
C LYS A 234 16.00 5.17 0.33
N GLY A 235 15.80 6.40 0.79
CA GLY A 235 16.13 7.56 -0.01
C GLY A 235 15.15 8.72 0.16
N LYS A 236 15.68 9.93 0.28
CA LYS A 236 14.83 11.11 0.33
C LYS A 236 14.05 11.25 -0.97
N GLY A 237 12.73 11.14 -0.87
CA GLY A 237 11.86 11.19 -2.03
C GLY A 237 11.07 9.92 -2.29
N THR A 238 11.38 8.81 -1.61
CA THR A 238 10.62 7.59 -1.80
C THR A 238 9.26 7.72 -1.14
N TRP A 239 8.29 6.97 -1.67
CA TRP A 239 6.93 6.96 -1.15
C TRP A 239 6.32 5.59 -1.35
N PRO A 240 6.75 4.59 -0.57
CA PRO A 240 6.12 3.27 -0.65
C PRO A 240 4.74 3.30 -0.04
N ALA A 241 3.85 2.46 -0.57
CA ALA A 241 2.49 2.45 -0.07
C ALA A 241 1.86 1.08 -0.23
N PHE A 242 1.11 0.67 0.79
CA PHE A 242 0.33 -0.55 0.80
C PHE A 242 -1.06 -0.15 1.29
N TRP A 243 -2.03 -0.09 0.38
CA TRP A 243 -3.31 0.54 0.67
C TRP A 243 -4.42 -0.14 -0.12
N MET A 244 -5.62 0.43 -0.03
CA MET A 244 -6.81 -0.16 -0.66
C MET A 244 -7.70 0.93 -1.22
N MET A 245 -8.30 0.63 -2.36
CA MET A 245 -9.30 1.46 -3.02
C MET A 245 -10.51 0.60 -3.38
N PRO A 246 -11.70 1.18 -3.42
CA PRO A 246 -12.89 0.38 -3.68
C PRO A 246 -13.05 0.06 -5.16
N VAL A 247 -13.73 -1.05 -5.42
CA VAL A 247 -14.07 -1.38 -6.80
C VAL A 247 -15.00 -0.32 -7.38
N ASP A 248 -15.96 0.13 -6.59
CA ASP A 248 -16.92 1.14 -7.02
C ASP A 248 -16.37 2.51 -6.67
N GLN A 249 -15.92 3.25 -7.69
CA GLN A 249 -15.44 4.61 -7.49
C GLN A 249 -16.30 5.62 -8.22
N ARG A 250 -17.57 5.29 -8.47
CA ARG A 250 -18.46 6.20 -9.19
C ARG A 250 -18.73 7.46 -8.39
N GLU A 251 -18.64 7.38 -7.07
CA GLU A 251 -18.84 8.55 -6.21
C GLU A 251 -17.64 9.51 -6.25
N GLY A 252 -16.55 9.12 -6.89
CA GLY A 252 -15.36 9.93 -6.90
C GLY A 252 -14.55 9.82 -5.62
N TRP A 253 -13.32 10.29 -5.69
CA TRP A 253 -12.42 10.32 -4.54
C TRP A 253 -12.42 11.71 -3.92
N PRO A 254 -12.44 11.86 -2.58
CA PRO A 254 -12.38 10.83 -1.54
C PRO A 254 -13.73 10.29 -1.08
N ALA A 255 -14.84 10.68 -1.72
CA ALA A 255 -16.15 10.17 -1.30
C ALA A 255 -16.19 8.64 -1.34
N CYS A 256 -15.55 8.03 -2.34
CA CYS A 256 -15.60 6.57 -2.45
C CYS A 256 -14.90 5.90 -1.28
N GLY A 257 -13.92 6.56 -0.68
CA GLY A 257 -13.22 6.00 0.45
C GLY A 257 -11.86 5.44 0.07
N GLU A 258 -10.95 5.42 1.04
CA GLU A 258 -9.59 4.95 0.83
C GLU A 258 -9.03 4.48 2.16
N ILE A 259 -8.41 3.30 2.17
CA ILE A 259 -7.78 2.75 3.36
C ILE A 259 -6.29 2.66 3.10
N ASP A 260 -5.50 3.40 3.89
CA ASP A 260 -4.05 3.33 3.83
C ASP A 260 -3.58 2.39 4.95
N ILE A 261 -3.06 1.22 4.57
CA ILE A 261 -2.59 0.27 5.56
C ILE A 261 -1.18 0.61 6.00
N MET A 262 -0.27 0.83 5.04
CA MET A 262 1.08 1.28 5.34
C MET A 262 1.47 2.37 4.35
N GLU A 263 1.86 3.53 4.88
CA GLU A 263 2.44 4.61 4.08
C GLU A 263 3.70 5.11 4.78
N GLU A 264 4.69 5.50 4.00
CA GLU A 264 5.95 5.98 4.53
C GLU A 264 6.62 6.84 3.47
N VAL A 265 7.48 7.76 3.91
CA VAL A 265 8.24 8.59 2.98
C VAL A 265 9.69 8.61 3.42
N GLY A 266 10.59 8.45 2.46
CA GLY A 266 12.01 8.39 2.75
C GLY A 266 12.56 9.68 3.35
N THR A 267 11.86 10.80 3.18
CA THR A 267 12.31 12.04 3.79
C THR A 267 12.12 12.03 5.30
N ASN A 268 11.26 11.15 5.83
CA ASN A 268 11.06 10.98 7.28
C ASN A 268 11.20 9.49 7.57
N PRO A 269 12.43 8.97 7.60
CA PRO A 269 12.63 7.53 7.50
C PRO A 269 12.06 6.79 8.70
N ASN A 270 11.50 5.60 8.42
CA ASN A 270 11.01 4.63 9.39
C ASN A 270 9.78 5.11 10.14
N TYR A 271 9.17 6.20 9.72
CA TYR A 271 7.87 6.62 10.25
C TYR A 271 6.80 6.09 9.29
N THR A 272 6.17 4.98 9.66
CA THR A 272 5.07 4.43 8.89
C THR A 272 3.75 4.90 9.48
N SER A 273 2.74 5.02 8.62
CA SER A 273 1.45 5.53 9.06
C SER A 273 0.33 4.69 8.46
N SER A 274 -0.88 4.94 8.96
CA SER A 274 -2.10 4.38 8.41
C SER A 274 -3.16 5.48 8.42
N SER A 275 -4.03 5.47 7.41
CA SER A 275 -5.02 6.53 7.27
C SER A 275 -6.29 5.97 6.66
N ILE A 276 -7.37 6.73 6.81
CA ILE A 276 -8.56 6.57 5.99
C ILE A 276 -8.91 7.93 5.41
N HIS A 277 -9.52 7.90 4.23
CA HIS A 277 -9.96 9.10 3.52
C HIS A 277 -11.44 8.97 3.20
N CYS A 278 -12.19 10.05 3.37
CA CYS A 278 -13.58 10.09 2.97
C CYS A 278 -14.02 11.54 2.87
N THR A 279 -15.29 11.75 2.51
CA THR A 279 -15.82 13.09 2.37
C THR A 279 -15.60 13.91 3.64
N ALA A 280 -15.85 13.31 4.80
CA ALA A 280 -15.73 14.03 6.05
C ALA A 280 -14.27 14.21 6.47
N TYR A 281 -13.44 13.21 6.25
CA TYR A 281 -12.07 13.18 6.76
C TYR A 281 -11.10 13.06 5.59
N ASN A 282 -10.48 14.18 5.22
CA ASN A 282 -9.53 14.21 4.12
C ASN A 282 -8.66 15.45 4.25
N HIS A 283 -7.56 15.47 3.50
CA HIS A 283 -6.54 16.49 3.68
C HIS A 283 -6.97 17.86 3.17
N VAL A 284 -7.90 17.92 2.22
CA VAL A 284 -8.39 19.22 1.75
C VAL A 284 -9.08 19.96 2.89
N LYS A 285 -9.90 19.25 3.66
CA LYS A 285 -10.56 19.82 4.83
C LYS A 285 -9.67 19.80 6.07
N GLY A 286 -8.46 19.26 5.97
CA GLY A 286 -7.57 19.15 7.11
C GLY A 286 -7.97 18.13 8.15
N THR A 287 -8.83 17.18 7.78
CA THR A 287 -9.48 16.31 8.75
C THR A 287 -9.16 14.83 8.55
N GLN A 288 -8.17 14.51 7.71
CA GLN A 288 -7.81 13.13 7.46
C GLN A 288 -7.46 12.40 8.76
N LYS A 289 -8.08 11.25 8.97
CA LYS A 289 -7.74 10.40 10.12
C LYS A 289 -6.46 9.64 9.83
N THR A 290 -5.49 9.75 10.73
CA THR A 290 -4.22 9.07 10.51
C THR A 290 -3.54 8.80 11.85
N ALA A 291 -2.63 7.84 11.84
CA ALA A 291 -1.77 7.54 12.97
C ALA A 291 -0.40 7.16 12.45
N GLU A 292 0.63 7.51 13.21
CA GLU A 292 2.01 7.38 12.76
C GLU A 292 2.86 6.85 13.90
N ARG A 293 3.91 6.11 13.54
CA ARG A 293 4.79 5.53 14.56
C ARG A 293 6.16 5.28 13.94
N PHE A 294 7.20 5.47 14.75
CA PHE A 294 8.55 5.12 14.35
C PHE A 294 8.77 3.62 14.57
N THR A 295 9.21 2.94 13.51
CA THR A 295 9.56 1.53 13.55
C THR A 295 11.01 1.42 13.10
N ALA A 296 11.91 1.14 14.03
CA ALA A 296 13.33 1.09 13.72
C ALA A 296 13.61 0.05 12.65
N GLY A 297 14.37 0.44 11.63
CA GLY A 297 14.78 -0.48 10.59
C GLY A 297 13.72 -0.87 9.59
N ALA A 298 12.56 -0.20 9.59
CA ALA A 298 11.53 -0.48 8.60
C ALA A 298 12.08 -0.37 7.19
N GLU A 299 12.92 0.62 6.94
CA GLU A 299 13.69 0.69 5.70
C GLU A 299 14.85 -0.29 5.81
N GLY A 300 14.84 -1.34 4.99
CA GLY A 300 15.91 -2.31 5.00
C GLY A 300 15.61 -3.61 5.72
N GLU A 301 14.47 -3.71 6.41
CA GLU A 301 14.08 -4.94 7.06
C GLU A 301 12.60 -5.20 6.83
N TYR A 302 12.22 -6.47 6.81
CA TYR A 302 10.82 -6.83 6.67
C TYR A 302 10.06 -6.59 7.97
N HIS A 303 8.87 -6.00 7.83
CA HIS A 303 7.94 -5.89 8.95
C HIS A 303 6.55 -6.26 8.45
N VAL A 304 5.69 -6.63 9.39
CA VAL A 304 4.36 -7.13 9.09
C VAL A 304 3.36 -6.01 9.32
N TYR A 305 2.81 -5.48 8.22
CA TYR A 305 1.78 -4.45 8.26
C TYR A 305 0.44 -5.09 7.95
N ALA A 306 -0.57 -4.79 8.76
CA ALA A 306 -1.85 -5.47 8.63
C ALA A 306 -3.00 -4.51 8.88
N LEU A 307 -4.14 -4.86 8.32
CA LEU A 307 -5.40 -4.13 8.49
C LEU A 307 -6.45 -5.10 9.02
N GLU A 308 -7.18 -4.70 10.05
CA GLU A 308 -8.36 -5.44 10.48
C GLU A 308 -9.57 -4.56 10.18
N TRP A 309 -10.40 -5.02 9.24
CA TRP A 309 -11.49 -4.21 8.70
C TRP A 309 -12.79 -5.00 8.84
N THR A 310 -13.66 -4.53 9.71
CA THR A 310 -14.98 -5.13 9.93
C THR A 310 -16.05 -4.09 9.62
N ALA A 311 -17.31 -4.49 9.83
CA ALA A 311 -18.42 -3.54 9.70
C ALA A 311 -18.43 -2.51 10.83
N ASP A 312 -17.69 -2.75 11.91
CA ASP A 312 -17.72 -1.87 13.07
C ASP A 312 -16.52 -0.93 13.16
N TYR A 313 -15.36 -1.29 12.60
CA TYR A 313 -14.17 -0.49 12.80
C TYR A 313 -13.12 -0.85 11.76
N ILE A 314 -12.19 0.09 11.55
CA ILE A 314 -10.97 -0.13 10.80
C ILE A 314 -9.80 0.04 11.76
N ARG A 315 -8.91 -0.94 11.79
CA ARG A 315 -7.74 -0.90 12.65
C ARG A 315 -6.53 -1.44 11.91
N THR A 316 -5.37 -0.85 12.15
CA THR A 316 -4.13 -1.34 11.55
C THR A 316 -3.12 -1.66 12.64
N PHE A 317 -2.15 -2.49 12.26
CA PHE A 317 -1.11 -2.97 13.16
C PHE A 317 0.24 -2.84 12.47
N VAL A 318 1.29 -2.77 13.28
CA VAL A 318 2.66 -2.89 12.81
C VAL A 318 3.30 -3.98 13.68
N ASP A 319 3.67 -5.09 13.06
CA ASP A 319 4.24 -6.24 13.78
C ASP A 319 3.31 -6.69 14.91
N GLY A 320 2.02 -6.77 14.61
CA GLY A 320 1.03 -7.16 15.59
C GLY A 320 0.67 -6.11 16.62
N GLN A 321 1.32 -4.95 16.59
CA GLN A 321 1.06 -3.90 17.58
C GLN A 321 0.11 -2.87 17.01
N PRO A 322 -1.04 -2.64 17.65
CA PRO A 322 -2.03 -1.71 17.08
C PRO A 322 -1.45 -0.31 16.85
N LEU A 323 -1.90 0.31 15.76
CA LEU A 323 -1.41 1.63 15.39
C LEU A 323 -2.56 2.60 15.15
N PHE A 324 -3.37 2.35 14.12
CA PHE A 324 -4.46 3.24 13.75
C PHE A 324 -5.78 2.60 14.13
N TYR A 325 -6.74 3.42 14.53
CA TYR A 325 -8.09 2.95 14.84
C TYR A 325 -9.10 3.97 14.33
N PHE A 326 -10.12 3.49 13.65
CA PHE A 326 -11.20 4.33 13.15
C PHE A 326 -12.51 3.56 13.27
N ALA A 327 -13.45 4.09 14.04
CA ALA A 327 -14.69 3.40 14.32
C ALA A 327 -15.78 3.81 13.34
N ASN A 328 -16.64 2.85 13.01
CA ASN A 328 -17.92 3.15 12.38
C ASN A 328 -18.79 3.88 13.39
N ASP A 329 -19.18 5.11 13.07
CA ASP A 329 -19.99 5.88 14.02
C ASP A 329 -21.44 5.43 14.04
N GLY A 330 -21.81 4.45 13.21
CA GLY A 330 -23.15 3.89 13.24
C GLY A 330 -24.23 4.76 12.68
N GLN A 331 -23.88 5.91 12.09
CA GLN A 331 -24.88 6.82 11.55
C GLN A 331 -25.40 6.41 10.18
N ARG A 332 -24.78 5.41 9.54
CA ARG A 332 -25.16 4.98 8.20
C ARG A 332 -25.12 6.14 7.21
N LYS A 333 -24.09 6.96 7.31
CA LYS A 333 -23.87 8.07 6.38
C LYS A 333 -22.56 7.85 5.65
N ALA A 334 -22.63 7.94 4.32
CA ALA A 334 -21.46 7.63 3.51
C ALA A 334 -20.32 8.61 3.74
N ALA A 335 -20.65 9.83 4.19
CA ALA A 335 -19.61 10.84 4.42
C ALA A 335 -18.60 10.38 5.45
N THR A 336 -19.04 9.63 6.46
CA THR A 336 -18.15 9.19 7.53
C THR A 336 -17.89 7.68 7.53
N TRP A 337 -18.56 6.90 6.67
CA TRP A 337 -18.29 5.47 6.56
C TRP A 337 -18.64 4.95 5.17
N PRO A 338 -17.71 5.10 4.22
CA PRO A 338 -17.92 4.51 2.90
C PRO A 338 -17.32 3.10 2.81
N PHE A 339 -17.02 2.50 3.95
CA PHE A 339 -16.26 1.24 4.00
C PHE A 339 -17.17 0.03 4.17
N ASP A 340 -18.26 -0.01 3.41
CA ASP A 340 -19.21 -1.12 3.41
CA ASP A 340 -19.21 -1.12 3.42
C ASP A 340 -19.38 -1.69 2.01
N LYS A 341 -18.29 -1.77 1.26
CA LYS A 341 -18.27 -2.27 -0.10
C LYS A 341 -16.89 -2.84 -0.38
N PRO A 342 -16.73 -3.61 -1.44
CA PRO A 342 -15.44 -4.28 -1.68
C PRO A 342 -14.33 -3.33 -2.09
N PHE A 343 -13.15 -3.58 -1.51
CA PHE A 343 -11.92 -2.87 -1.80
C PHE A 343 -10.88 -3.87 -2.30
N PHE A 344 -9.99 -3.41 -3.19
CA PHE A 344 -8.85 -4.20 -3.63
C PHE A 344 -7.55 -3.63 -3.06
N VAL A 345 -6.47 -4.39 -3.21
CA VAL A 345 -5.18 -4.05 -2.62
C VAL A 345 -4.31 -3.39 -3.68
N ILE A 346 -3.59 -2.34 -3.28
CA ILE A 346 -2.66 -1.62 -4.15
C ILE A 346 -1.27 -1.64 -3.52
N LEU A 347 -0.26 -1.97 -4.32
CA LEU A 347 1.13 -1.86 -3.92
C LEU A 347 1.84 -0.97 -4.94
N ASN A 348 2.59 0.02 -4.43
CA ASN A 348 3.26 0.94 -5.34
C ASN A 348 4.41 1.62 -4.61
N LEU A 349 5.36 2.13 -5.40
CA LEU A 349 6.49 2.90 -4.90
C LEU A 349 6.59 4.16 -5.74
N ALA A 350 6.17 5.29 -5.18
CA ALA A 350 6.23 6.55 -5.89
C ALA A 350 7.55 7.26 -5.60
N TRP A 351 7.86 8.23 -6.46
CA TRP A 351 9.07 9.03 -6.32
C TRP A 351 8.66 10.50 -6.35
N GLY A 352 8.81 11.19 -5.23
CA GLY A 352 8.42 12.58 -5.15
C GLY A 352 6.94 12.75 -4.90
N GLY A 353 6.33 13.75 -5.53
CA GLY A 353 4.91 13.99 -5.35
C GLY A 353 4.62 14.92 -4.20
N MET A 354 3.32 15.10 -3.94
CA MET A 354 2.89 16.07 -2.94
C MET A 354 3.38 15.68 -1.55
N TRP A 355 3.44 14.38 -1.24
CA TRP A 355 3.97 13.93 0.04
C TRP A 355 5.44 13.52 -0.06
N GLY A 356 5.77 12.61 -0.97
CA GLY A 356 7.15 12.12 -1.05
C GLY A 356 8.15 13.20 -1.40
N GLY A 357 7.75 14.17 -2.23
CA GLY A 357 8.69 15.18 -2.69
C GLY A 357 8.54 16.54 -2.04
N MET A 358 7.84 16.60 -0.91
CA MET A 358 7.59 17.90 -0.27
C MET A 358 8.86 18.55 0.26
N ASN A 359 9.92 17.78 0.48
CA ASN A 359 11.22 18.31 0.88
C ASN A 359 12.27 18.19 -0.22
N GLY A 360 11.87 17.87 -1.44
CA GLY A 360 12.81 17.54 -2.50
C GLY A 360 13.05 16.06 -2.60
N VAL A 361 13.82 15.67 -3.63
CA VAL A 361 14.17 14.27 -3.85
C VAL A 361 15.68 14.17 -4.04
N ASP A 362 16.21 12.98 -3.76
CA ASP A 362 17.64 12.69 -3.83
C ASP A 362 17.86 11.54 -4.80
N GLU A 363 18.17 11.85 -6.06
CA GLU A 363 18.38 10.82 -7.06
C GLU A 363 19.63 9.99 -6.79
N SER A 364 20.55 10.48 -5.96
CA SER A 364 21.74 9.70 -5.64
C SER A 364 21.40 8.44 -4.86
N ALA A 365 20.23 8.40 -4.23
CA ALA A 365 19.80 7.19 -3.51
C ALA A 365 19.31 6.10 -4.46
N LEU A 366 19.06 6.41 -5.73
CA LEU A 366 18.61 5.41 -6.69
C LEU A 366 19.78 4.52 -7.12
N PRO A 367 19.53 3.23 -7.35
CA PRO A 367 18.24 2.55 -7.27
C PRO A 367 17.87 2.10 -5.86
N THR A 368 16.57 1.97 -5.56
CA THR A 368 16.13 1.51 -4.25
C THR A 368 14.85 0.70 -4.44
N THR A 369 14.66 -0.31 -3.57
CA THR A 369 13.65 -1.33 -3.80
C THR A 369 12.75 -1.52 -2.57
N MET A 370 11.45 -1.63 -2.84
CA MET A 370 10.46 -2.08 -1.87
C MET A 370 10.18 -3.56 -2.12
N SER A 371 10.29 -4.37 -1.08
CA SER A 371 10.15 -5.82 -1.20
C SER A 371 8.95 -6.29 -0.40
N VAL A 372 8.09 -7.10 -1.03
CA VAL A 372 6.90 -7.64 -0.38
C VAL A 372 7.04 -9.16 -0.36
N ASP A 373 7.15 -9.72 0.84
CA ASP A 373 7.27 -11.18 0.97
C ASP A 373 5.95 -11.86 0.64
N TYR A 374 4.83 -11.27 1.06
CA TYR A 374 3.52 -11.86 0.79
C TYR A 374 2.44 -10.82 1.03
N VAL A 375 1.28 -11.06 0.44
CA VAL A 375 0.04 -10.36 0.77
C VAL A 375 -1.00 -11.44 1.04
N ARG A 376 -1.57 -11.43 2.23
CA ARG A 376 -2.57 -12.41 2.62
C ARG A 376 -3.86 -11.71 3.03
N VAL A 377 -4.98 -12.31 2.68
CA VAL A 377 -6.31 -11.78 3.02
C VAL A 377 -7.07 -12.87 3.75
N PHE A 378 -7.49 -12.58 4.98
CA PHE A 378 -8.32 -13.47 5.77
C PHE A 378 -9.72 -12.88 5.92
N GLN A 379 -10.69 -13.76 6.17
CA GLN A 379 -12.04 -13.33 6.48
C GLN A 379 -12.60 -14.22 7.59
N ARG A 380 -13.58 -13.68 8.31
CA ARG A 380 -14.14 -14.38 9.45
C ARG A 380 -14.82 -15.67 9.03
N ARG A 381 -14.63 -16.70 9.82
CA ARG A 381 -15.32 -17.98 9.59
C ARG A 381 -16.80 -17.83 9.88
#